data_5N1K
#
_entry.id   5N1K
#
_cell.length_a   58.196
_cell.length_b   71.512
_cell.length_c   107.607
_cell.angle_alpha   90.00
_cell.angle_beta   90.00
_cell.angle_gamma   90.00
#
_symmetry.space_group_name_H-M   'P 21 21 21'
#
loop_
_entity.id
_entity.type
_entity.pdbx_description
1 polymer 'cAMP-dependent protein kinase catalytic subunit alpha'
2 polymer 'cAMP-dependent protein kinase inhibitor alpha-like protein'
3 non-polymer (1S)-2-amino-1-(4-fluorophenyl)ethanol
4 non-polymer 'DIMETHYL SULFOXIDE'
5 water water
#
loop_
_entity_poly.entity_id
_entity_poly.type
_entity_poly.pdbx_seq_one_letter_code
_entity_poly.pdbx_strand_id
1 'polypeptide(L)'
;GHMGNAAAAKKG(SEP)EQESVKEFLAKAKEEFLKKWESPSQNTAQLDHFDRIKTLGTGSFGRVMLVKHKETGNHYAMKI
LDKQKVVKLKQIEHTLNEKRILQAVNFPFLVKLEFSFKDNSNLYMVMEYVPGGEMFSHLRRIGRFSEPHARFYAAQIVLT
FEYLHSLDLIYRDLKPENLLIDQQGYIQVTDFGFAKRVKGRTW(TPO)LCGTPEYLAPEIILSKGYNKAVDWWALGVLIY
EMAAGYPPFFADQPIQIYEKIVSGKVRFPSHFSSDLKDLLRNLLQVDLTKRFGNLKNGVNDIKNHKWFATTDWIAIYQRK
VEAPFIPKFKGPGDTSNFDDYEEEEIRV(SEP)INEKCGKEFTEF
;
A
2 'polypeptide(L)' IAAGRTGRRQAIHDILVAA B
#
loop_
_chem_comp.id
_chem_comp.type
_chem_comp.name
_chem_comp.formula
489 non-polymer (1S)-2-amino-1-(4-fluorophenyl)ethanol 'C8 H10 F N O'
DMS non-polymer 'DIMETHYL SULFOXIDE' 'C2 H6 O S'
#
# COMPACT_ATOMS: atom_id res chain seq x y z
N GLY A 1 -22.36 -9.41 -28.31
CA GLY A 1 -21.22 -8.80 -27.64
C GLY A 1 -20.63 -9.86 -26.73
N HIS A 2 -19.67 -9.46 -25.90
CA HIS A 2 -19.08 -10.38 -24.92
C HIS A 2 -20.12 -10.72 -23.85
N ALA A 9 -26.07 -6.70 -18.16
CA ALA A 9 -27.39 -6.47 -17.56
C ALA A 9 -27.29 -6.27 -16.02
N LYS A 10 -26.82 -7.31 -15.33
CA LYS A 10 -26.43 -7.14 -13.94
C LYS A 10 -25.25 -6.18 -13.80
N LYS A 11 -24.33 -6.17 -14.77
CA LYS A 11 -23.12 -5.36 -14.61
C LYS A 11 -23.46 -3.88 -14.51
N GLY A 12 -24.43 -3.40 -15.27
CA GLY A 12 -24.84 -2.01 -15.13
C GLY A 12 -25.57 -1.61 -13.85
N SEP A 13 -26.31 -2.54 -13.23
CA SEP A 13 -26.93 -2.23 -11.95
CB SEP A 13 -28.03 -3.23 -11.56
OG SEP A 13 -27.97 -3.61 -10.18
C SEP A 13 -25.79 -2.25 -10.96
O SEP A 13 -25.75 -1.46 -10.02
P SEP A 13 -29.48 -3.94 -9.62
O1P SEP A 13 -29.91 -5.30 -10.34
O2P SEP A 13 -29.40 -4.07 -8.03
O3P SEP A 13 -30.38 -2.77 -10.12
N GLU A 14 -24.84 -3.15 -11.21
CA GLU A 14 -23.66 -3.22 -10.39
C GLU A 14 -22.91 -1.85 -10.40
N GLN A 15 -22.92 -1.15 -11.52
CA GLN A 15 -22.21 0.14 -11.59
C GLN A 15 -22.95 1.23 -10.84
N GLU A 16 -24.27 1.17 -10.83
CA GLU A 16 -25.03 2.11 -10.00
C GLU A 16 -24.76 1.83 -8.53
N SER A 17 -24.66 0.56 -8.15
CA SER A 17 -24.37 0.23 -6.75
C SER A 17 -23.00 0.73 -6.32
N VAL A 18 -22.01 0.65 -7.22
CA VAL A 18 -20.71 1.22 -6.90
C VAL A 18 -20.84 2.69 -6.60
N LYS A 19 -21.54 3.43 -7.47
CA LYS A 19 -21.68 4.86 -7.31
C LYS A 19 -22.30 5.18 -5.97
N GLU A 20 -23.29 4.37 -5.59
CA GLU A 20 -23.99 4.60 -4.34
C GLU A 20 -23.08 4.36 -3.14
N PHE A 21 -22.28 3.30 -3.21
CA PHE A 21 -21.35 2.97 -2.13
C PHE A 21 -20.30 4.08 -1.96
N LEU A 22 -19.79 4.58 -3.09
CA LEU A 22 -18.72 5.58 -3.07
C LEU A 22 -19.23 6.91 -2.56
N ALA A 23 -20.48 7.23 -2.85
CA ALA A 23 -20.98 8.51 -2.37
C ALA A 23 -21.15 8.45 -0.86
N LYS A 24 -21.60 7.30 -0.35
CA LYS A 24 -21.70 7.14 1.09
C LYS A 24 -20.32 7.12 1.73
N ALA A 25 -19.35 6.45 1.09
CA ALA A 25 -18.00 6.42 1.61
C ALA A 25 -17.42 7.83 1.68
N LYS A 26 -17.72 8.68 0.70
CA LYS A 26 -17.14 10.02 0.68
C LYS A 26 -17.68 10.85 1.84
N GLU A 27 -18.98 10.70 2.17
CA GLU A 27 -19.57 11.45 3.27
C GLU A 27 -18.95 11.06 4.62
N GLU A 28 -18.77 9.76 4.87
CA GLU A 28 -18.09 9.35 6.10
C GLU A 28 -16.65 9.86 6.13
N PHE A 29 -15.91 9.74 5.02
CA PHE A 29 -14.53 10.20 5.00
C PHE A 29 -14.44 11.70 5.31
N LEU A 30 -15.29 12.51 4.68
CA LEU A 30 -15.17 13.95 4.83
C LEU A 30 -15.49 14.41 6.26
N LYS A 31 -16.38 13.72 6.96
CA LYS A 31 -16.61 14.07 8.37
C LYS A 31 -15.32 13.92 9.17
N LYS A 32 -14.62 12.80 9.01
CA LYS A 32 -13.37 12.60 9.75
C LYS A 32 -12.22 13.45 9.20
N TRP A 33 -12.20 13.70 7.88
CA TRP A 33 -11.09 14.48 7.33
C TRP A 33 -11.10 15.92 7.84
N GLU A 34 -12.31 16.48 8.02
CA GLU A 34 -12.44 17.88 8.42
C GLU A 34 -12.12 18.06 9.90
N SER A 35 -12.45 17.06 10.72
CA SER A 35 -12.30 17.14 12.17
C SER A 35 -11.56 15.89 12.66
N PRO A 36 -10.24 15.83 12.45
CA PRO A 36 -9.49 14.64 12.84
C PRO A 36 -9.38 14.53 14.35
N ASN A 39 -4.41 12.92 19.74
CA ASN A 39 -3.69 12.59 20.97
C ASN A 39 -4.46 11.57 21.81
N THR A 40 -4.62 10.36 21.30
CA THR A 40 -5.57 9.40 21.82
C THR A 40 -4.95 8.30 22.70
N ALA A 41 -3.65 8.38 23.03
CA ALA A 41 -3.03 7.37 23.89
C ALA A 41 -1.70 7.92 24.42
N GLN A 42 -0.94 7.07 25.11
CA GLN A 42 0.35 7.45 25.67
C GLN A 42 1.30 6.25 25.69
N LEU A 43 2.61 6.53 25.67
CA LEU A 43 3.59 5.48 25.42
C LEU A 43 3.57 4.42 26.50
N ASP A 44 3.49 4.86 27.77
CA ASP A 44 3.49 4.01 28.95
C ASP A 44 2.32 3.04 28.99
N HIS A 45 1.28 3.30 28.20
CA HIS A 45 0.16 2.37 28.12
C HIS A 45 0.51 1.06 27.42
N PHE A 46 1.71 0.89 26.86
CA PHE A 46 2.04 -0.26 26.01
C PHE A 46 3.38 -0.88 26.38
N ASP A 47 3.46 -2.22 26.28
CA ASP A 47 4.74 -2.92 26.35
C ASP A 47 5.26 -3.21 24.93
N ARG A 48 6.55 -2.99 24.72
CA ARG A 48 7.17 -3.19 23.40
C ARG A 48 7.80 -4.57 23.31
N ILE A 49 7.43 -5.32 22.29
CA ILE A 49 7.73 -6.76 22.20
C ILE A 49 8.83 -7.05 21.16
N LYS A 50 8.61 -6.65 19.92
CA LYS A 50 9.54 -7.06 18.86
C LYS A 50 9.43 -6.06 17.71
N THR A 51 10.55 -5.77 17.05
CA THR A 51 10.53 -4.95 15.85
C THR A 51 10.07 -5.78 14.63
N LEU A 52 9.09 -5.26 13.90
CA LEU A 52 8.48 -5.99 12.79
C LEU A 52 8.92 -5.50 11.41
N GLY A 53 9.58 -4.35 11.36
CA GLY A 53 9.88 -3.71 10.11
C GLY A 53 10.64 -2.46 10.44
N THR A 54 11.54 -2.01 9.55
CA THR A 54 12.36 -0.84 9.81
C THR A 54 12.46 0.00 8.55
N GLY A 55 12.90 1.23 8.76
CA GLY A 55 13.01 2.18 7.66
C GLY A 55 13.94 3.28 8.10
N SER A 56 14.14 4.23 7.18
CA SER A 56 15.04 5.33 7.46
C SER A 56 14.57 6.21 8.60
N PHE A 57 13.31 6.13 9.02
CA PHE A 57 12.81 7.08 10.02
C PHE A 57 12.41 6.44 11.33
N GLY A 58 12.42 5.11 11.41
CA GLY A 58 12.10 4.45 12.66
C GLY A 58 11.82 2.97 12.48
N ARG A 59 10.87 2.48 13.25
CA ARG A 59 10.51 1.10 13.13
C ARG A 59 9.01 0.97 13.39
N VAL A 60 8.48 -0.19 13.05
CA VAL A 60 7.15 -0.61 13.46
C VAL A 60 7.38 -1.74 14.43
N MET A 61 6.75 -1.67 15.61
CA MET A 61 6.96 -2.67 16.63
C MET A 61 5.65 -3.35 16.99
N LEU A 62 5.75 -4.64 17.29
CA LEU A 62 4.65 -5.30 17.97
C LEU A 62 4.65 -4.80 19.40
N VAL A 63 3.50 -4.30 19.86
CA VAL A 63 3.31 -3.84 21.23
C VAL A 63 2.08 -4.50 21.81
N LYS A 64 1.98 -4.52 23.14
CA LYS A 64 0.81 -5.06 23.83
C LYS A 64 0.27 -3.99 24.78
N HIS A 65 -1.03 -3.67 24.63
CA HIS A 65 -1.71 -2.74 25.53
C HIS A 65 -1.74 -3.31 26.96
N LYS A 66 -1.16 -2.59 27.90
CA LYS A 66 -1.08 -3.06 29.28
C LYS A 66 -2.45 -3.20 29.93
N THR A 68 -5.12 -3.79 28.73
CA THR A 68 -6.16 -4.50 28.00
C THR A 68 -5.69 -5.83 27.42
N GLY A 69 -4.38 -5.97 27.20
CA GLY A 69 -3.82 -7.17 26.63
C GLY A 69 -3.78 -7.24 25.11
N ASN A 70 -4.57 -6.41 24.41
CA ASN A 70 -4.65 -6.48 22.96
C ASN A 70 -3.33 -6.10 22.31
N HIS A 71 -3.07 -6.70 21.16
CA HIS A 71 -1.81 -6.45 20.46
C HIS A 71 -2.03 -5.45 19.36
N TYR A 72 -1.00 -4.65 19.11
CA TYR A 72 -1.06 -3.64 18.06
C TYR A 72 0.28 -3.56 17.35
N ALA A 73 0.26 -2.95 16.16
CA ALA A 73 1.50 -2.62 15.46
C ALA A 73 1.73 -1.12 15.66
N MET A 74 2.82 -0.77 16.33
CA MET A 74 3.10 0.63 16.66
C MET A 74 4.21 1.16 15.75
N LYS A 75 3.90 2.18 14.93
CA LYS A 75 4.92 2.82 14.12
C LYS A 75 5.49 3.99 14.91
N ILE A 76 6.80 3.99 15.09
CA ILE A 76 7.53 4.99 15.89
C ILE A 76 8.42 5.75 14.93
N LEU A 77 8.15 7.06 14.79
CA LEU A 77 8.92 7.92 13.92
C LEU A 77 9.79 8.85 14.76
N ASP A 78 11.10 8.83 14.52
CA ASP A 78 12.03 9.72 15.23
C ASP A 78 11.92 11.10 14.60
N LYS A 79 11.37 12.06 15.34
CA LYS A 79 11.19 13.40 14.79
C LYS A 79 12.49 13.99 14.27
N GLN A 80 13.63 13.64 14.88
CA GLN A 80 14.94 14.12 14.44
C GLN A 80 15.46 13.40 13.21
N LYS A 81 14.81 12.32 12.75
CA LYS A 81 15.15 11.75 11.46
C LYS A 81 14.22 12.23 10.37
N VAL A 82 13.05 12.74 10.73
CA VAL A 82 12.06 13.20 9.74
C VAL A 82 12.38 14.67 9.50
N VAL A 83 13.43 14.91 8.71
CA VAL A 83 14.07 16.23 8.65
C VAL A 83 13.77 16.97 7.36
N LYS A 84 13.74 16.30 6.21
CA LYS A 84 13.50 16.96 4.93
C LYS A 84 12.04 17.41 4.82
N LEU A 85 11.79 18.47 4.04
CA LEU A 85 10.45 19.06 3.97
C LEU A 85 9.41 18.04 3.57
N LYS A 86 9.63 17.35 2.45
CA LYS A 86 8.64 16.38 2.04
C LYS A 86 8.54 15.22 3.02
N GLN A 87 9.63 14.86 3.72
CA GLN A 87 9.48 13.79 4.70
C GLN A 87 8.50 14.22 5.79
N ILE A 88 8.49 15.51 6.15
CA ILE A 88 7.60 16.02 7.21
C ILE A 88 6.14 16.10 6.73
N GLU A 89 5.93 16.70 5.56
CA GLU A 89 4.56 16.77 5.01
C GLU A 89 3.94 15.38 4.89
N HIS A 90 4.74 14.40 4.45
CA HIS A 90 4.25 13.07 4.20
C HIS A 90 3.78 12.42 5.49
N THR A 91 4.44 12.73 6.61
CA THR A 91 4.03 12.19 7.89
C THR A 91 2.67 12.73 8.32
N LEU A 92 2.42 14.02 8.08
CA LEU A 92 1.10 14.56 8.43
C LEU A 92 0.00 13.97 7.53
N ASN A 93 0.30 13.80 6.25
CA ASN A 93 -0.63 13.13 5.32
C ASN A 93 -1.02 11.75 5.86
N GLU A 94 -0.01 10.95 6.21
CA GLU A 94 -0.29 9.58 6.67
C GLU A 94 -1.26 9.55 7.84
N LYS A 95 -1.02 10.38 8.89
CA LYS A 95 -1.90 10.35 10.07
C LYS A 95 -3.32 10.81 9.73
N ARG A 96 -3.45 11.88 8.95
CA ARG A 96 -4.79 12.45 8.70
C ARG A 96 -5.60 11.55 7.76
N ILE A 97 -4.92 10.91 6.80
CA ILE A 97 -5.59 9.95 5.92
C ILE A 97 -5.99 8.70 6.70
N LEU A 98 -5.08 8.15 7.49
CA LEU A 98 -5.44 6.90 8.18
C LEU A 98 -6.56 7.11 9.19
N GLN A 99 -6.64 8.28 9.82
N GLN A 99 -6.63 8.28 9.83
CA GLN A 99 -7.72 8.47 10.79
CA GLN A 99 -7.71 8.52 10.77
C GLN A 99 -9.06 8.73 10.13
C GLN A 99 -9.07 8.47 10.08
N ALA A 100 -9.11 8.82 8.80
CA ALA A 100 -10.34 9.19 8.13
C ALA A 100 -10.89 8.11 7.18
N VAL A 101 -10.09 7.12 6.80
CA VAL A 101 -10.52 6.11 5.85
C VAL A 101 -11.05 4.90 6.61
N ASN A 102 -11.82 4.08 5.90
CA ASN A 102 -12.43 2.88 6.47
C ASN A 102 -12.71 1.94 5.30
N PHE A 103 -12.02 0.83 5.21
CA PHE A 103 -12.25 -0.10 4.09
C PHE A 103 -11.69 -1.45 4.52
N PRO A 104 -12.25 -2.59 4.03
CA PRO A 104 -11.84 -3.91 4.59
C PRO A 104 -10.40 -4.29 4.33
N PHE A 105 -9.73 -3.66 3.37
CA PHE A 105 -8.36 -4.05 3.03
C PHE A 105 -7.32 -2.97 3.34
N LEU A 106 -7.69 -2.00 4.19
CA LEU A 106 -6.81 -0.95 4.70
C LEU A 106 -6.63 -1.14 6.20
N VAL A 107 -5.38 -1.07 6.66
N VAL A 107 -5.39 -1.04 6.67
CA VAL A 107 -5.13 -1.25 8.08
CA VAL A 107 -5.13 -1.27 8.08
C VAL A 107 -5.82 -0.16 8.89
C VAL A 107 -5.74 -0.16 8.93
N LYS A 108 -6.32 -0.54 10.06
CA LYS A 108 -7.02 0.39 10.92
C LYS A 108 -6.07 1.02 11.93
N LEU A 109 -5.98 2.36 11.89
CA LEU A 109 -5.31 3.18 12.91
C LEU A 109 -6.20 3.32 14.14
N GLU A 110 -5.68 2.89 15.28
CA GLU A 110 -6.38 2.89 16.54
C GLU A 110 -6.06 4.13 17.37
N PHE A 111 -4.79 4.51 17.44
CA PHE A 111 -4.37 5.60 18.31
C PHE A 111 -3.20 6.33 17.67
N SER A 112 -3.06 7.61 18.00
CA SER A 112 -1.89 8.36 17.61
C SER A 112 -1.58 9.36 18.74
N PHE A 113 -0.30 9.69 18.89
CA PHE A 113 0.15 10.59 19.95
C PHE A 113 1.62 10.89 19.67
N LYS A 114 2.17 11.84 20.43
CA LYS A 114 3.57 12.21 20.26
C LYS A 114 4.19 12.49 21.61
N ASP A 115 5.51 12.57 21.65
CA ASP A 115 6.19 13.00 22.87
C ASP A 115 7.37 13.89 22.47
N ASN A 116 8.32 14.09 23.40
CA ASN A 116 9.41 15.01 23.08
C ASN A 116 10.24 14.55 21.88
N SER A 117 10.39 13.23 21.69
CA SER A 117 11.28 12.72 20.65
C SER A 117 10.57 12.11 19.43
N ASN A 118 9.36 11.56 19.61
CA ASN A 118 8.77 10.68 18.58
C ASN A 118 7.30 11.00 18.30
N LEU A 119 6.87 10.62 17.09
CA LEU A 119 5.48 10.42 16.72
C LEU A 119 5.11 8.93 16.74
N TYR A 120 3.88 8.64 17.14
CA TYR A 120 3.42 7.26 17.25
C TYR A 120 2.09 7.11 16.56
N MET A 121 1.98 6.11 15.71
CA MET A 121 0.71 5.69 15.14
C MET A 121 0.52 4.22 15.49
N VAL A 122 -0.55 3.93 16.21
CA VAL A 122 -0.82 2.59 16.71
C VAL A 122 -1.92 1.99 15.85
N MET A 123 -1.58 0.91 15.15
CA MET A 123 -2.47 0.26 14.19
C MET A 123 -2.81 -1.17 14.65
N GLU A 124 -3.87 -1.73 14.09
CA GLU A 124 -4.18 -3.13 14.31
C GLU A 124 -3.00 -3.98 13.91
N TYR A 125 -2.76 -5.05 14.64
CA TYR A 125 -1.67 -5.96 14.30
C TYR A 125 -2.21 -7.02 13.35
N VAL A 126 -1.58 -7.14 12.17
CA VAL A 126 -1.93 -8.12 11.16
C VAL A 126 -0.86 -9.19 11.16
N PRO A 127 -1.12 -10.37 11.72
CA PRO A 127 -0.04 -11.30 12.08
C PRO A 127 0.42 -12.20 10.94
N GLY A 128 -0.19 -12.11 9.73
CA GLY A 128 0.20 -13.04 8.69
C GLY A 128 1.51 -12.75 7.99
N GLY A 129 2.12 -11.61 8.26
CA GLY A 129 3.38 -11.25 7.61
C GLY A 129 3.14 -10.41 6.36
N GLU A 130 4.26 -9.92 5.77
CA GLU A 130 4.17 -9.22 4.48
C GLU A 130 3.98 -10.20 3.33
N MET A 131 3.21 -9.81 2.35
CA MET A 131 3.19 -10.59 1.10
C MET A 131 4.61 -10.79 0.57
N PHE A 132 5.47 -9.79 0.76
CA PHE A 132 6.84 -9.85 0.26
C PHE A 132 7.53 -11.14 0.68
N SER A 133 7.53 -11.44 1.98
N SER A 133 7.52 -11.49 1.96
CA SER A 133 8.18 -12.66 2.48
CA SER A 133 8.30 -12.66 2.33
C SER A 133 7.64 -13.88 1.78
C SER A 133 7.64 -13.96 1.87
N HIS A 134 6.31 -14.04 1.81
CA HIS A 134 5.69 -15.23 1.27
C HIS A 134 6.03 -15.39 -0.20
N LEU A 135 5.95 -14.28 -0.97
CA LEU A 135 6.28 -14.35 -2.40
C LEU A 135 7.74 -14.74 -2.64
N ARG A 136 8.68 -14.14 -1.87
CA ARG A 136 10.10 -14.50 -2.10
C ARG A 136 10.37 -15.92 -1.63
N ARG A 137 9.61 -16.41 -0.69
CA ARG A 137 9.83 -17.79 -0.20
C ARG A 137 9.32 -18.82 -1.21
N ILE A 138 8.15 -18.58 -1.79
CA ILE A 138 7.60 -19.52 -2.76
C ILE A 138 8.01 -19.27 -4.20
N GLY A 139 8.56 -18.08 -4.52
CA GLY A 139 9.02 -17.81 -5.86
C GLY A 139 8.02 -16.93 -6.60
N ARG A 140 6.87 -17.50 -6.96
N ARG A 140 6.88 -17.52 -6.96
CA ARG A 140 5.84 -16.72 -7.63
CA ARG A 140 5.81 -16.80 -7.64
C ARG A 140 4.50 -17.37 -7.37
C ARG A 140 4.48 -17.34 -7.16
N PHE A 141 3.44 -16.57 -7.44
CA PHE A 141 2.09 -17.05 -7.20
C PHE A 141 1.47 -17.47 -8.54
N SER A 142 0.58 -18.47 -8.49
CA SER A 142 -0.21 -18.84 -9.67
C SER A 142 -1.08 -17.66 -10.11
N GLU A 143 -1.54 -17.68 -11.38
CA GLU A 143 -2.36 -16.53 -11.79
C GLU A 143 -3.65 -16.43 -10.98
N PRO A 144 -4.32 -17.52 -10.60
CA PRO A 144 -5.51 -17.34 -9.73
C PRO A 144 -5.20 -16.74 -8.38
N HIS A 145 -4.08 -17.16 -7.76
N HIS A 145 -4.07 -17.08 -7.78
CA HIS A 145 -3.57 -16.60 -6.51
CA HIS A 145 -3.74 -16.50 -6.50
C HIS A 145 -3.30 -15.11 -6.62
C HIS A 145 -3.32 -15.04 -6.62
N ALA A 146 -2.52 -14.72 -7.64
CA ALA A 146 -2.18 -13.32 -7.85
C ALA A 146 -3.44 -12.51 -8.14
N ARG A 147 -4.37 -13.09 -8.91
CA ARG A 147 -5.63 -12.39 -9.21
C ARG A 147 -6.44 -12.07 -7.97
N PHE A 148 -6.55 -13.03 -7.05
CA PHE A 148 -7.27 -12.80 -5.79
C PHE A 148 -6.70 -11.59 -5.06
N TYR A 149 -5.37 -11.51 -4.96
CA TYR A 149 -4.77 -10.33 -4.29
C TYR A 149 -4.97 -9.08 -5.12
N ALA A 150 -4.76 -9.20 -6.44
CA ALA A 150 -4.89 -8.02 -7.27
C ALA A 150 -6.30 -7.43 -7.15
N ALA A 151 -7.32 -8.28 -7.09
CA ALA A 151 -8.72 -7.77 -7.00
C ALA A 151 -8.89 -6.89 -5.76
N GLN A 152 -8.26 -7.28 -4.64
CA GLN A 152 -8.41 -6.46 -3.44
C GLN A 152 -7.72 -5.10 -3.63
N ILE A 153 -6.60 -5.09 -4.35
CA ILE A 153 -5.94 -3.80 -4.58
C ILE A 153 -6.81 -2.94 -5.49
N VAL A 154 -7.36 -3.56 -6.55
CA VAL A 154 -8.27 -2.79 -7.45
C VAL A 154 -9.38 -2.12 -6.65
N LEU A 155 -10.03 -2.88 -5.78
CA LEU A 155 -11.12 -2.27 -5.02
C LEU A 155 -10.61 -1.19 -4.08
N THR A 156 -9.46 -1.45 -3.43
CA THR A 156 -8.90 -0.46 -2.52
C THR A 156 -8.57 0.86 -3.23
N PHE A 157 -7.95 0.78 -4.40
CA PHE A 157 -7.67 2.00 -5.17
C PHE A 157 -8.96 2.64 -5.63
N GLU A 158 -9.97 1.83 -6.01
CA GLU A 158 -11.23 2.45 -6.46
C GLU A 158 -11.80 3.31 -5.34
N TYR A 159 -11.70 2.80 -4.11
CA TYR A 159 -12.14 3.50 -2.90
C TYR A 159 -11.28 4.74 -2.67
N LEU A 160 -9.98 4.56 -2.63
CA LEU A 160 -9.13 5.71 -2.31
C LEU A 160 -9.24 6.77 -3.37
N HIS A 161 -9.22 6.39 -4.65
CA HIS A 161 -9.25 7.43 -5.70
C HIS A 161 -10.56 8.18 -5.68
N SER A 162 -11.65 7.51 -5.26
CA SER A 162 -12.91 8.23 -5.22
C SER A 162 -12.92 9.32 -4.15
N LEU A 163 -12.08 9.16 -3.12
CA LEU A 163 -11.91 10.20 -2.11
C LEU A 163 -10.82 11.18 -2.48
N ASP A 164 -10.37 11.12 -3.73
CA ASP A 164 -9.24 11.91 -4.21
C ASP A 164 -7.97 11.61 -3.44
N LEU A 165 -7.77 10.36 -2.99
CA LEU A 165 -6.51 10.00 -2.35
C LEU A 165 -5.67 9.15 -3.31
N ILE A 166 -4.38 9.50 -3.45
CA ILE A 166 -3.46 8.62 -4.16
C ILE A 166 -2.60 7.91 -3.15
N TYR A 167 -2.16 6.67 -3.48
CA TYR A 167 -1.52 5.82 -2.47
C TYR A 167 0.02 5.89 -2.60
N ARG A 168 0.51 5.68 -3.82
CA ARG A 168 1.91 6.03 -4.22
C ARG A 168 3.01 5.15 -3.63
N ASP A 169 2.70 4.10 -2.91
CA ASP A 169 3.82 3.15 -2.63
C ASP A 169 3.37 1.68 -2.67
N LEU A 170 2.61 1.30 -3.71
CA LEU A 170 2.20 -0.10 -3.77
C LEU A 170 3.42 -1.00 -4.00
N LYS A 171 3.48 -2.12 -3.29
CA LYS A 171 4.56 -3.12 -3.47
C LYS A 171 4.32 -4.21 -2.43
N PRO A 172 4.86 -5.43 -2.61
CA PRO A 172 4.56 -6.51 -1.66
C PRO A 172 4.99 -6.21 -0.23
N GLU A 173 6.00 -5.39 -0.04
CA GLU A 173 6.48 -5.04 1.30
C GLU A 173 5.40 -4.37 2.13
N ASN A 174 4.46 -3.68 1.46
CA ASN A 174 3.45 -2.90 2.17
C ASN A 174 2.12 -3.60 2.28
N LEU A 175 2.03 -4.88 1.91
CA LEU A 175 0.76 -5.62 1.87
C LEU A 175 0.86 -6.74 2.89
N LEU A 176 0.04 -6.67 3.94
CA LEU A 176 0.10 -7.65 5.01
C LEU A 176 -1.01 -8.67 4.78
N ILE A 177 -0.77 -9.93 5.17
CA ILE A 177 -1.78 -10.98 5.01
C ILE A 177 -2.49 -11.18 6.34
N ASP A 178 -3.84 -11.18 6.37
CA ASP A 178 -4.50 -11.30 7.66
C ASP A 178 -4.86 -12.76 7.93
N GLN A 179 -5.55 -12.96 9.07
CA GLN A 179 -5.88 -14.31 9.50
C GLN A 179 -6.84 -15.03 8.56
N GLN A 180 -7.52 -14.33 7.66
CA GLN A 180 -8.37 -15.02 6.66
C GLN A 180 -7.67 -15.21 5.32
N GLY A 181 -6.42 -14.77 5.19
CA GLY A 181 -5.66 -14.84 3.96
C GLY A 181 -5.87 -13.65 3.07
N TYR A 182 -6.56 -12.64 3.57
CA TYR A 182 -6.83 -11.44 2.77
C TYR A 182 -5.74 -10.41 3.06
N ILE A 183 -5.65 -9.37 2.15
CA ILE A 183 -4.63 -8.32 2.22
C ILE A 183 -5.08 -7.16 3.07
N GLN A 184 -4.14 -6.57 3.79
CA GLN A 184 -4.33 -5.31 4.49
C GLN A 184 -3.20 -4.40 4.02
N VAL A 185 -3.56 -3.34 3.33
CA VAL A 185 -2.58 -2.32 2.90
C VAL A 185 -2.16 -1.50 4.10
N THR A 186 -0.85 -1.36 4.28
N THR A 186 -0.85 -1.35 4.27
CA THR A 186 -0.26 -0.55 5.33
CA THR A 186 -0.32 -0.52 5.34
C THR A 186 0.60 0.54 4.69
C THR A 186 0.70 0.44 4.71
N ASP A 187 1.31 1.27 5.55
CA ASP A 187 2.33 2.21 5.16
C ASP A 187 1.75 3.27 4.22
N PHE A 188 1.00 4.20 4.80
CA PHE A 188 0.42 5.32 4.07
C PHE A 188 1.33 6.53 4.03
N GLY A 189 2.65 6.35 4.19
CA GLY A 189 3.55 7.49 4.22
C GLY A 189 3.61 8.31 2.94
N PHE A 190 3.25 7.73 1.80
CA PHE A 190 3.29 8.42 0.51
C PHE A 190 1.88 8.84 0.08
N ALA A 191 0.86 8.53 0.87
CA ALA A 191 -0.51 8.74 0.42
C ALA A 191 -0.85 10.22 0.52
N LYS A 192 -1.69 10.70 -0.38
CA LYS A 192 -1.94 12.16 -0.38
C LYS A 192 -3.30 12.48 -1.00
N ARG A 193 -3.99 13.51 -0.50
CA ARG A 193 -5.20 13.95 -1.21
C ARG A 193 -4.78 14.89 -2.32
N VAL A 194 -5.18 14.54 -3.54
CA VAL A 194 -4.78 15.20 -4.78
C VAL A 194 -6.06 15.24 -5.62
N LYS A 195 -6.62 16.41 -5.81
CA LYS A 195 -7.75 16.54 -6.71
C LYS A 195 -7.36 16.71 -8.18
N GLY A 196 -6.20 17.29 -8.47
CA GLY A 196 -5.70 17.34 -9.84
C GLY A 196 -4.42 16.54 -10.06
N ARG A 197 -3.31 17.23 -10.10
CA ARG A 197 -1.99 16.63 -10.15
C ARG A 197 -1.20 16.95 -8.87
N THR A 198 -0.08 16.22 -8.75
CA THR A 198 0.88 16.50 -7.69
C THR A 198 2.28 16.33 -8.28
N TRP A 199 3.30 16.86 -7.56
CA TRP A 199 4.63 17.02 -8.18
C TRP A 199 5.80 16.40 -7.41
N TPO A 200 5.53 15.79 -6.25
CA TPO A 200 6.68 15.33 -5.45
CB TPO A 200 6.25 14.97 -4.02
CG2 TPO A 200 7.50 14.53 -3.22
OG1 TPO A 200 5.60 16.11 -3.42
P TPO A 200 4.10 15.74 -3.08
O1P TPO A 200 3.40 15.17 -4.38
O2P TPO A 200 3.59 17.17 -2.63
O3P TPO A 200 3.98 14.80 -1.95
C TPO A 200 7.36 14.12 -6.09
O TPO A 200 6.67 13.14 -6.41
N LEU A 201 8.67 14.16 -6.24
CA LEU A 201 9.37 13.00 -6.80
C LEU A 201 9.56 11.94 -5.69
N CYS A 202 8.63 10.96 -5.57
CA CYS A 202 8.67 10.01 -4.46
C CYS A 202 8.11 8.64 -4.83
N GLY A 203 8.53 7.64 -4.04
CA GLY A 203 8.02 6.27 -4.22
C GLY A 203 9.21 5.31 -4.21
N THR A 204 8.96 4.13 -4.74
CA THR A 204 9.98 3.06 -4.69
C THR A 204 10.41 2.82 -6.12
N PRO A 205 11.69 2.85 -6.44
CA PRO A 205 12.11 2.91 -7.84
C PRO A 205 11.45 1.91 -8.77
N GLU A 206 11.42 0.62 -8.42
CA GLU A 206 10.86 -0.38 -9.35
C GLU A 206 9.39 -0.14 -9.68
N TYR A 207 8.68 0.59 -8.83
CA TYR A 207 7.24 0.82 -8.95
C TYR A 207 6.86 2.21 -9.50
N LEU A 208 7.82 3.11 -9.75
CA LEU A 208 7.50 4.45 -10.24
C LEU A 208 6.97 4.44 -11.65
N ALA A 209 5.90 5.17 -11.88
CA ALA A 209 5.48 5.40 -13.23
C ALA A 209 6.46 6.32 -13.97
N PRO A 210 6.49 6.25 -15.31
CA PRO A 210 7.47 7.09 -16.04
C PRO A 210 7.30 8.59 -15.81
N GLU A 211 6.06 9.05 -15.66
CA GLU A 211 5.86 10.50 -15.47
C GLU A 211 6.43 10.96 -14.13
N ILE A 212 6.47 10.09 -13.13
CA ILE A 212 7.15 10.53 -11.91
C ILE A 212 8.62 10.77 -12.18
N ILE A 213 9.24 9.79 -12.84
CA ILE A 213 10.68 9.82 -13.09
C ILE A 213 11.06 11.02 -13.95
N LEU A 214 10.19 11.39 -14.85
CA LEU A 214 10.47 12.48 -15.78
C LEU A 214 10.09 13.84 -15.21
N SER A 215 9.79 13.89 -13.91
CA SER A 215 9.47 15.17 -13.24
C SER A 215 8.29 15.89 -13.87
N LYS A 216 7.27 15.11 -14.26
CA LYS A 216 6.02 15.65 -14.77
C LYS A 216 5.01 15.66 -13.63
N GLY A 217 4.17 16.68 -13.52
CA GLY A 217 3.05 16.53 -12.60
C GLY A 217 2.20 15.33 -12.98
N TYR A 218 1.68 14.61 -11.96
CA TYR A 218 1.06 13.32 -12.20
C TYR A 218 -0.13 13.15 -11.28
N ASN A 219 -0.92 12.12 -11.55
CA ASN A 219 -2.19 11.94 -10.82
C ASN A 219 -2.35 10.49 -10.44
N LYS A 220 -3.62 10.09 -10.15
CA LYS A 220 -3.84 8.74 -9.66
C LYS A 220 -3.42 7.68 -10.63
N ALA A 221 -3.21 8.02 -11.91
CA ALA A 221 -2.80 6.97 -12.84
C ALA A 221 -1.47 6.33 -12.45
N VAL A 222 -0.67 6.97 -11.58
CA VAL A 222 0.58 6.30 -11.16
C VAL A 222 0.26 5.07 -10.33
N ASP A 223 -0.86 5.09 -9.58
CA ASP A 223 -1.24 3.89 -8.81
C ASP A 223 -1.58 2.73 -9.75
N TRP A 224 -2.23 3.04 -10.88
CA TRP A 224 -2.60 1.97 -11.81
C TRP A 224 -1.39 1.39 -12.52
N TRP A 225 -0.45 2.24 -12.89
CA TRP A 225 0.86 1.72 -13.35
C TRP A 225 1.47 0.80 -12.29
N ALA A 226 1.49 1.26 -11.01
CA ALA A 226 2.11 0.42 -9.97
C ALA A 226 1.37 -0.89 -9.80
N LEU A 227 0.03 -0.88 -9.99
CA LEU A 227 -0.72 -2.18 -9.97
C LEU A 227 -0.18 -3.12 -11.05
N GLY A 228 0.10 -2.58 -12.26
CA GLY A 228 0.74 -3.42 -13.28
C GLY A 228 2.06 -4.01 -12.82
N VAL A 229 2.92 -3.18 -12.20
CA VAL A 229 4.18 -3.72 -11.65
C VAL A 229 3.88 -4.83 -10.63
N LEU A 230 2.92 -4.58 -9.71
CA LEU A 230 2.64 -5.54 -8.62
C LEU A 230 2.15 -6.86 -9.20
N ILE A 231 1.16 -6.81 -10.12
CA ILE A 231 0.65 -8.07 -10.68
C ILE A 231 1.77 -8.83 -11.37
N TYR A 232 2.59 -8.12 -12.16
CA TYR A 232 3.71 -8.80 -12.83
C TYR A 232 4.62 -9.44 -11.80
N GLU A 233 4.97 -8.69 -10.75
CA GLU A 233 5.89 -9.29 -9.76
C GLU A 233 5.25 -10.50 -9.07
N MET A 234 3.95 -10.40 -8.72
CA MET A 234 3.33 -11.53 -8.04
C MET A 234 3.32 -12.75 -8.94
N ALA A 235 3.05 -12.54 -10.24
CA ALA A 235 2.96 -13.71 -11.12
C ALA A 235 4.31 -14.21 -11.64
N ALA A 236 5.31 -13.35 -11.72
CA ALA A 236 6.65 -13.75 -12.22
C ALA A 236 7.63 -14.07 -11.12
N GLY A 237 7.47 -13.40 -9.99
CA GLY A 237 8.41 -13.45 -8.88
C GLY A 237 9.44 -12.33 -8.89
N TYR A 238 9.48 -11.53 -9.92
CA TYR A 238 10.33 -10.36 -9.99
C TYR A 238 9.57 -9.30 -10.77
N PRO A 239 9.90 -8.03 -10.60
CA PRO A 239 9.16 -6.96 -11.29
C PRO A 239 9.65 -6.75 -12.72
N PRO A 240 8.90 -6.02 -13.52
CA PRO A 240 9.21 -5.98 -14.95
C PRO A 240 10.42 -5.11 -15.27
N PHE A 241 10.70 -4.09 -14.42
CA PHE A 241 11.87 -3.23 -14.64
C PHE A 241 12.86 -3.49 -13.51
N PHE A 242 13.93 -4.22 -13.82
CA PHE A 242 14.65 -4.98 -12.82
C PHE A 242 16.12 -4.71 -13.07
N ALA A 243 16.79 -4.03 -12.15
CA ALA A 243 18.21 -3.75 -12.34
C ALA A 243 18.87 -3.47 -10.99
N ASP A 244 20.20 -3.46 -11.00
CA ASP A 244 20.93 -3.35 -9.73
C ASP A 244 20.80 -1.97 -9.11
N GLN A 245 20.79 -0.93 -9.93
CA GLN A 245 20.92 0.44 -9.45
C GLN A 245 19.71 1.26 -9.86
N PRO A 246 19.17 2.10 -8.97
CA PRO A 246 18.00 2.90 -9.35
C PRO A 246 18.13 3.60 -10.70
N ILE A 247 19.30 4.15 -11.06
CA ILE A 247 19.31 4.87 -12.33
C ILE A 247 19.04 3.92 -13.47
N GLN A 248 19.56 2.68 -13.40
CA GLN A 248 19.26 1.69 -14.45
C GLN A 248 17.76 1.32 -14.50
N ILE A 249 17.16 1.12 -13.32
CA ILE A 249 15.73 0.86 -13.25
C ILE A 249 14.95 1.99 -13.96
N TYR A 250 15.30 3.24 -13.65
CA TYR A 250 14.58 4.38 -14.24
C TYR A 250 14.68 4.37 -15.77
N GLU A 251 15.86 4.10 -16.32
CA GLU A 251 15.99 4.06 -17.78
C GLU A 251 15.06 3.04 -18.39
N LYS A 252 14.98 1.86 -17.77
CA LYS A 252 14.12 0.80 -18.27
C LYS A 252 12.67 1.22 -18.23
N ILE A 253 12.27 1.92 -17.17
CA ILE A 253 10.86 2.28 -17.02
C ILE A 253 10.46 3.23 -18.10
N VAL A 254 11.32 4.21 -18.38
CA VAL A 254 10.94 5.24 -19.34
C VAL A 254 10.93 4.72 -20.78
N SER A 255 11.73 3.71 -21.08
CA SER A 255 11.56 3.05 -22.39
C SER A 255 10.25 2.29 -22.42
N GLY A 256 9.89 1.67 -21.29
CA GLY A 256 8.68 0.86 -21.16
C GLY A 256 8.62 -0.26 -22.17
N LYS A 257 9.71 -1.03 -22.30
CA LYS A 257 9.76 -2.16 -23.24
C LYS A 257 9.63 -3.47 -22.46
N VAL A 258 8.44 -3.76 -22.01
CA VAL A 258 8.25 -4.86 -21.07
C VAL A 258 8.29 -6.19 -21.81
N ARG A 259 9.05 -7.12 -21.27
CA ARG A 259 9.07 -8.52 -21.74
C ARG A 259 8.39 -9.35 -20.67
N PHE A 260 7.68 -10.39 -21.09
CA PHE A 260 6.92 -11.19 -20.12
C PHE A 260 7.45 -12.61 -20.06
N PRO A 261 7.40 -13.28 -18.92
CA PRO A 261 7.76 -14.70 -18.87
C PRO A 261 6.90 -15.53 -19.82
N SER A 262 7.47 -16.62 -20.37
CA SER A 262 6.72 -17.45 -21.28
C SER A 262 5.52 -18.13 -20.62
N HIS A 263 5.47 -18.25 -19.30
CA HIS A 263 4.31 -18.86 -18.68
C HIS A 263 3.15 -17.92 -18.41
N PHE A 264 3.29 -16.62 -18.65
CA PHE A 264 2.16 -15.70 -18.46
C PHE A 264 1.09 -16.00 -19.50
N SER A 265 -0.19 -16.04 -19.05
CA SER A 265 -1.25 -16.17 -20.03
C SER A 265 -1.31 -14.94 -20.93
N SER A 266 -1.92 -15.12 -22.12
CA SER A 266 -2.11 -13.96 -22.97
C SER A 266 -3.09 -12.95 -22.39
N ASP A 267 -4.11 -13.40 -21.64
CA ASP A 267 -4.99 -12.45 -20.96
C ASP A 267 -4.20 -11.61 -19.95
N LEU A 268 -3.29 -12.23 -19.20
CA LEU A 268 -2.49 -11.46 -18.25
C LEU A 268 -1.62 -10.43 -18.99
N LYS A 269 -0.92 -10.88 -20.04
CA LYS A 269 -0.06 -9.96 -20.77
C LYS A 269 -0.85 -8.78 -21.31
N ASP A 270 -2.08 -9.03 -21.82
CA ASP A 270 -2.86 -7.92 -22.37
C ASP A 270 -3.22 -6.91 -21.29
N LEU A 271 -3.64 -7.40 -20.11
CA LEU A 271 -3.92 -6.47 -19.02
C LEU A 271 -2.66 -5.69 -18.68
N LEU A 272 -1.53 -6.38 -18.57
CA LEU A 272 -0.33 -5.68 -18.12
C LEU A 272 0.17 -4.65 -19.14
N ARG A 273 0.04 -4.95 -20.43
N ARG A 273 0.04 -4.95 -20.43
CA ARG A 273 0.42 -3.96 -21.45
CA ARG A 273 0.42 -3.97 -21.44
C ARG A 273 -0.41 -2.69 -21.33
C ARG A 273 -0.40 -2.70 -21.32
N ASN A 274 -1.64 -2.82 -20.86
CA ASN A 274 -2.53 -1.68 -20.74
C ASN A 274 -2.36 -0.94 -19.42
N LEU A 275 -1.83 -1.61 -18.41
CA LEU A 275 -1.50 -0.92 -17.19
C LEU A 275 -0.11 -0.29 -17.26
N LEU A 276 0.86 -1.01 -17.81
CA LEU A 276 2.23 -0.52 -18.00
C LEU A 276 2.37 0.24 -19.31
N GLN A 277 1.49 1.21 -19.48
CA GLN A 277 1.34 1.98 -20.69
C GLN A 277 1.92 3.36 -20.42
N VAL A 278 3.00 3.72 -21.13
CA VAL A 278 3.60 5.02 -20.87
C VAL A 278 2.68 6.16 -21.31
N ASP A 279 1.86 5.93 -22.36
CA ASP A 279 0.95 6.94 -22.91
C ASP A 279 -0.28 7.02 -22.01
N LEU A 280 -0.40 8.12 -21.27
CA LEU A 280 -1.53 8.27 -20.37
C LEU A 280 -2.89 8.34 -21.08
N THR A 281 -2.96 8.69 -22.36
CA THR A 281 -4.27 8.63 -23.01
C THR A 281 -4.69 7.21 -23.31
N LYS A 282 -3.84 6.21 -22.99
CA LYS A 282 -4.12 4.83 -23.27
C LYS A 282 -4.04 3.96 -22.03
N ARG A 283 -3.65 4.52 -20.89
CA ARG A 283 -3.40 3.69 -19.72
C ARG A 283 -4.70 3.31 -19.02
N PHE A 284 -4.91 2.02 -18.78
CA PHE A 284 -6.11 1.59 -18.08
C PHE A 284 -6.16 2.17 -16.68
N GLY A 285 -7.39 2.48 -16.25
CA GLY A 285 -7.59 3.17 -15.00
C GLY A 285 -7.67 4.66 -15.18
N ASN A 286 -7.24 5.14 -16.34
CA ASN A 286 -7.12 6.57 -16.58
C ASN A 286 -8.03 7.02 -17.71
N LEU A 287 -8.91 6.15 -18.20
CA LEU A 287 -9.67 6.47 -19.40
C LEU A 287 -11.09 6.84 -18.99
N LYS A 288 -11.95 7.05 -19.99
CA LYS A 288 -13.31 7.51 -19.71
C LYS A 288 -14.06 6.52 -18.84
N ASN A 289 -13.80 5.21 -19.01
CA ASN A 289 -14.46 4.18 -18.22
C ASN A 289 -13.75 3.90 -16.89
N GLY A 290 -12.70 4.65 -16.58
CA GLY A 290 -12.04 4.59 -15.28
C GLY A 290 -11.65 3.18 -14.87
N VAL A 291 -11.99 2.82 -13.62
N VAL A 291 -12.00 2.82 -13.63
CA VAL A 291 -11.61 1.52 -13.07
CA VAL A 291 -11.61 1.54 -13.06
C VAL A 291 -12.26 0.37 -13.81
C VAL A 291 -12.29 0.38 -13.77
N ASN A 292 -13.39 0.62 -14.48
CA ASN A 292 -14.14 -0.45 -15.09
C ASN A 292 -13.39 -1.06 -16.26
N ASP A 293 -12.40 -0.36 -16.83
CA ASP A 293 -11.60 -1.00 -17.86
C ASP A 293 -10.75 -2.09 -17.25
N ILE A 294 -10.41 -1.93 -15.98
CA ILE A 294 -9.67 -2.98 -15.31
C ILE A 294 -10.63 -4.05 -14.84
N LYS A 295 -11.71 -3.65 -14.15
CA LYS A 295 -12.59 -4.65 -13.55
C LYS A 295 -13.24 -5.54 -14.60
N ASN A 296 -13.48 -5.01 -15.80
CA ASN A 296 -14.13 -5.77 -16.83
C ASN A 296 -13.16 -6.42 -17.81
N HIS A 297 -11.86 -6.37 -17.52
CA HIS A 297 -10.87 -7.04 -18.37
C HIS A 297 -11.03 -8.55 -18.26
N LYS A 298 -10.74 -9.24 -19.38
CA LYS A 298 -10.89 -10.68 -19.45
C LYS A 298 -10.07 -11.39 -18.35
N TRP A 299 -8.90 -10.86 -17.96
CA TRP A 299 -8.15 -11.56 -16.91
C TRP A 299 -8.93 -11.61 -15.61
N PHE A 300 -9.90 -10.69 -15.42
CA PHE A 300 -10.70 -10.67 -14.21
C PHE A 300 -12.08 -11.28 -14.42
N ALA A 301 -12.29 -12.02 -15.49
CA ALA A 301 -13.65 -12.49 -15.80
C ALA A 301 -14.18 -13.45 -14.75
N THR A 302 -13.30 -14.18 -14.05
CA THR A 302 -13.75 -15.07 -13.00
C THR A 302 -13.89 -14.40 -11.66
N THR A 303 -13.57 -13.12 -11.56
CA THR A 303 -13.56 -12.44 -10.28
C THR A 303 -14.95 -11.91 -9.92
N ASP A 304 -15.44 -12.30 -8.74
CA ASP A 304 -16.69 -11.81 -8.19
C ASP A 304 -16.33 -10.65 -7.27
N TRP A 305 -16.41 -9.42 -7.81
CA TRP A 305 -15.92 -8.24 -7.10
C TRP A 305 -16.64 -8.07 -5.77
N ILE A 306 -17.97 -8.29 -5.76
CA ILE A 306 -18.71 -8.09 -4.52
C ILE A 306 -18.34 -9.16 -3.49
N ALA A 307 -18.24 -10.43 -3.93
CA ALA A 307 -17.81 -11.51 -3.03
C ALA A 307 -16.40 -11.27 -2.42
N ILE A 308 -15.46 -10.73 -3.20
CA ILE A 308 -14.17 -10.33 -2.64
C ILE A 308 -14.36 -9.26 -1.56
N TYR A 309 -15.12 -8.20 -1.89
CA TYR A 309 -15.35 -7.12 -0.93
C TYR A 309 -15.94 -7.67 0.35
N GLN A 310 -16.87 -8.60 0.24
CA GLN A 310 -17.57 -9.17 1.39
C GLN A 310 -16.77 -10.28 2.05
N ARG A 311 -15.60 -10.60 1.51
CA ARG A 311 -14.71 -11.58 2.08
C ARG A 311 -15.35 -12.98 2.08
N LYS A 312 -16.09 -13.27 1.00
CA LYS A 312 -16.77 -14.57 0.86
C LYS A 312 -15.92 -15.58 0.10
N VAL A 313 -14.82 -15.15 -0.48
CA VAL A 313 -14.04 -16.01 -1.35
C VAL A 313 -12.99 -16.72 -0.52
N GLU A 314 -12.80 -18.02 -0.77
CA GLU A 314 -11.76 -18.78 -0.08
C GLU A 314 -10.37 -18.30 -0.51
N ALA A 315 -9.53 -17.96 0.47
CA ALA A 315 -8.20 -17.44 0.14
C ALA A 315 -7.26 -18.54 -0.34
N PRO A 316 -6.25 -18.18 -1.13
CA PRO A 316 -5.25 -19.16 -1.58
C PRO A 316 -4.51 -19.86 -0.44
N PHE A 317 -4.28 -19.16 0.67
CA PHE A 317 -3.65 -19.81 1.81
C PHE A 317 -3.87 -18.92 3.00
N ILE A 318 -3.87 -19.55 4.17
CA ILE A 318 -4.14 -18.90 5.43
C ILE A 318 -2.87 -19.05 6.25
N PRO A 319 -2.30 -17.96 6.75
CA PRO A 319 -1.01 -18.05 7.42
C PRO A 319 -1.21 -18.76 8.73
N LYS A 320 -0.15 -19.42 9.16
CA LYS A 320 -0.24 -20.21 10.38
C LYS A 320 0.08 -19.32 11.57
N PHE A 321 -0.66 -19.51 12.67
CA PHE A 321 -0.55 -18.63 13.83
C PHE A 321 -0.68 -19.45 15.09
N LYS A 322 0.20 -19.21 16.06
CA LYS A 322 0.19 -19.98 17.29
C LYS A 322 -0.59 -19.30 18.40
N GLY A 323 -0.82 -18.00 18.30
CA GLY A 323 -1.63 -17.32 19.27
C GLY A 323 -1.54 -15.85 19.08
N PRO A 324 -2.22 -15.09 19.94
CA PRO A 324 -2.05 -13.64 19.89
C PRO A 324 -0.59 -13.29 20.14
N GLY A 325 -0.13 -12.27 19.43
CA GLY A 325 1.24 -11.84 19.57
C GLY A 325 2.26 -12.72 18.88
N ASP A 326 1.83 -13.77 18.19
CA ASP A 326 2.73 -14.56 17.35
C ASP A 326 3.39 -13.67 16.30
N THR A 327 4.72 -13.74 16.23
CA THR A 327 5.47 -12.97 15.23
C THR A 327 6.21 -13.87 14.25
N SER A 328 5.82 -15.14 14.18
CA SER A 328 6.58 -16.13 13.40
C SER A 328 6.55 -15.84 11.90
N ASN A 329 5.57 -15.08 11.41
CA ASN A 329 5.50 -14.78 9.96
C ASN A 329 6.26 -13.52 9.56
N PHE A 330 7.00 -12.90 10.48
CA PHE A 330 7.82 -11.72 10.23
C PHE A 330 9.29 -12.05 10.39
N ASP A 331 10.11 -11.40 9.57
CA ASP A 331 11.57 -11.51 9.70
C ASP A 331 12.04 -10.76 10.94
N ASP A 332 13.31 -10.93 11.27
CA ASP A 332 13.90 -10.33 12.48
C ASP A 332 14.65 -9.06 12.11
N TYR A 333 14.69 -8.11 13.06
CA TYR A 333 15.37 -6.85 12.87
C TYR A 333 16.14 -6.53 14.14
N GLU A 334 17.18 -5.72 13.98
CA GLU A 334 17.96 -5.28 15.12
C GLU A 334 17.08 -4.39 15.98
N GLU A 335 17.21 -4.53 17.29
CA GLU A 335 16.41 -3.75 18.20
C GLU A 335 17.21 -2.56 18.71
N GLU A 336 16.52 -1.45 18.94
CA GLU A 336 17.15 -0.25 19.49
C GLU A 336 16.17 0.37 20.46
N GLU A 337 16.56 0.50 21.73
CA GLU A 337 15.66 1.02 22.76
C GLU A 337 15.21 2.43 22.41
N ILE A 338 13.96 2.74 22.75
CA ILE A 338 13.46 4.09 22.54
C ILE A 338 13.97 4.98 23.66
N ARG A 339 14.43 6.18 23.31
CA ARG A 339 14.92 7.17 24.27
C ARG A 339 14.11 8.44 24.11
N VAL A 340 13.30 8.77 25.11
CA VAL A 340 12.55 10.03 25.06
C VAL A 340 13.38 11.15 25.70
N SEP A 341 13.72 12.16 24.89
CA SEP A 341 14.55 13.26 25.36
CB SEP A 341 14.96 14.13 24.16
OG SEP A 341 15.53 15.35 24.59
C SEP A 341 13.86 14.10 26.42
O SEP A 341 12.63 14.19 26.47
P SEP A 341 17.08 15.17 24.95
O1P SEP A 341 17.75 14.11 23.94
O2P SEP A 341 17.24 14.66 26.46
O3P SEP A 341 17.78 16.60 24.75
N ILE A 342 14.67 14.71 27.31
CA ILE A 342 14.14 15.55 28.35
C ILE A 342 13.56 16.82 27.73
N ASN A 343 14.07 17.16 26.54
CA ASN A 343 13.64 18.34 25.79
C ASN A 343 12.80 17.93 24.59
N GLU A 344 11.78 18.74 24.29
CA GLU A 344 10.94 18.53 23.12
C GLU A 344 11.70 18.83 21.84
N LYS A 345 11.59 17.95 20.85
CA LYS A 345 12.27 18.16 19.58
C LYS A 345 11.27 18.48 18.49
N CYS A 346 11.64 19.42 17.62
CA CYS A 346 10.89 19.74 16.40
C CYS A 346 9.40 19.91 16.70
N GLY A 347 9.11 20.62 17.78
CA GLY A 347 7.71 20.82 18.14
C GLY A 347 6.96 21.63 17.10
N LYS A 348 7.64 22.56 16.45
CA LYS A 348 7.00 23.40 15.45
C LYS A 348 6.60 22.59 14.22
N GLU A 349 7.53 21.81 13.68
CA GLU A 349 7.24 21.06 12.46
C GLU A 349 6.04 20.13 12.62
N PHE A 350 5.78 19.66 13.83
CA PHE A 350 4.80 18.58 14.04
C PHE A 350 3.62 19.03 14.90
N THR A 351 3.27 20.32 14.85
CA THR A 351 2.21 20.86 15.69
C THR A 351 0.84 20.27 15.36
N GLU A 352 0.55 20.01 14.07
CA GLU A 352 -0.76 19.47 13.69
C GLU A 352 -0.91 17.97 13.94
N PHE A 353 0.17 17.28 14.28
CA PHE A 353 0.12 15.84 14.49
C PHE A 353 -0.62 15.48 15.78
N ALA B 3 19.06 -9.78 -13.24
CA ALA B 3 19.99 -9.18 -12.29
C ALA B 3 19.45 -7.85 -11.75
N GLY B 4 18.73 -7.93 -10.64
CA GLY B 4 18.12 -6.77 -10.02
C GLY B 4 18.04 -6.91 -8.50
N ARG B 5 17.25 -6.06 -7.85
CA ARG B 5 17.20 -6.06 -6.39
C ARG B 5 16.22 -7.10 -5.85
N THR B 6 16.72 -8.08 -5.04
CA THR B 6 15.85 -9.14 -4.57
C THR B 6 15.33 -8.96 -3.14
N GLY B 7 15.97 -8.11 -2.34
CA GLY B 7 15.60 -7.93 -0.95
C GLY B 7 14.58 -6.79 -0.85
N ARG B 8 14.28 -6.36 0.40
CA ARG B 8 13.26 -5.32 0.56
C ARG B 8 13.78 -4.02 0.00
N ARG B 9 12.86 -3.26 -0.58
CA ARG B 9 13.14 -2.01 -1.30
C ARG B 9 12.66 -0.80 -0.52
N GLN B 10 13.59 0.18 -0.35
CA GLN B 10 13.35 1.40 0.38
C GLN B 10 12.64 2.38 -0.55
N ALA B 11 11.59 2.99 -0.04
CA ALA B 11 10.95 4.04 -0.82
C ALA B 11 11.70 5.32 -0.55
N ILE B 12 11.69 6.24 -1.51
CA ILE B 12 12.45 7.48 -1.42
C ILE B 12 11.45 8.62 -1.31
N HIS B 13 11.57 9.46 -0.28
CA HIS B 13 10.58 10.53 -0.08
C HIS B 13 10.78 11.74 -0.95
N ASP B 14 11.99 11.92 -1.47
CA ASP B 14 12.25 13.05 -2.36
C ASP B 14 13.53 12.70 -3.11
N ILE B 15 13.37 12.20 -4.32
CA ILE B 15 14.47 11.61 -5.08
C ILE B 15 15.48 12.67 -5.53
C4 489 C . 4.09 -4.96 10.49
C5 489 C . 2.95 -4.24 10.64
C6 489 C . 2.72 -3.07 10.01
C7 489 C . 3.69 -2.59 9.15
F 489 C . 1.94 -4.78 11.41
C3 489 C . 5.05 -4.48 9.62
C2 489 C . 4.86 -3.30 8.92
C1 489 C . 5.85 -2.82 7.89
O 489 C . 5.96 -1.42 7.87
C 489 C . 5.38 -3.21 6.49
N 489 C . 6.17 -2.63 5.44
C4 489 D . -16.76 -1.39 -3.08
C5 489 D . -16.03 -0.83 -4.10
C6 489 D . -16.36 -0.98 -5.40
C7 489 D . -17.48 -1.73 -5.72
F 489 D . -14.90 -0.11 -3.79
C3 489 D . -17.87 -2.16 -3.41
C2 489 D . -18.25 -2.34 -4.73
S DMS E . 7.45 8.88 7.60
O DMS E . 8.69 9.64 7.17
C1 DMS E . 6.08 9.20 6.46
C2 DMS E . 7.80 7.15 7.23
C4 489 F . 15.00 -7.39 4.15
C5 489 F . 16.23 -7.21 3.63
C6 489 F . 17.25 -6.63 4.32
C7 489 F . 16.99 -6.18 5.61
F 489 F . 16.46 -7.59 2.40
C3 489 F . 14.75 -6.94 5.41
C2 489 F . 15.73 -6.32 6.16
#